data_6HWS
#
_entry.id   6HWS
#
_cell.length_a   125.960
_cell.length_b   75.740
_cell.length_c   48.880
_cell.angle_alpha   90.00
_cell.angle_beta   106.43
_cell.angle_gamma   90.00
#
_symmetry.space_group_name_H-M   'C 1 2 1'
#
loop_
_entity.id
_entity.type
_entity.pdbx_description
1 polymer 'Kelch-like ECH-associated protein 1'
2 non-polymer 1,2-ETHANEDIOL
3 non-polymer '2-[[4-[2-hydroxy-2-oxoethyl-(4-methoxyphenyl)sulfonyl-amino]-3-phenylmethoxy-phenyl]-(4-methoxyphenyl)sulfonyl-amino]ethanoic acid'
4 non-polymer 'SODIUM ION'
5 water water
#
_entity_poly.entity_id   1
_entity_poly.type   'polypeptide(L)'
_entity_poly.pdbx_seq_one_letter_code
;APKVGRLIYTAGGYFRQSLSYLEAYNPSDGTWLRLADLQVPRSGLAGCVVGGLLYAVGGRNNSPDGNTDSSALDCYNPMT
NQWSPCAPMSVPRNRIGVGVIDGHIYAVGGSHGCIHHNSVERYEPERDEWHLVAPMLTRRIGVGVAVLNRLLYAVGGFDG
TNRLNSAECYYPERNEWRMITAMNTIRSGAGVCVLHNCIYAAGGYDGQDQLNSVERYDVETETWTFVAPMKHRRSALGIT
VHQGRIYVLGGYDGHTFLDSVECYDPDTDTWSEVTRMTSGRSGVGVAVT
;
_entity_poly.pdbx_strand_id   A
#
loop_
_chem_comp.id
_chem_comp.type
_chem_comp.name
_chem_comp.formula
EDO non-polymer 1,2-ETHANEDIOL 'C2 H6 O2'
GX8 non-polymer '2-[[4-[2-hydroxy-2-oxoethyl-(4-methoxyphenyl)sulfonyl-amino]-3-phenylmethoxy-phenyl]-(4-methoxyphenyl)sulfonyl-amino]ethanoic acid' 'C31 H30 N2 O11 S2'
NA non-polymer 'SODIUM ION' 'Na 1'
#
# COMPACT_ATOMS: atom_id res chain seq x y z
N GLY A 5 12.45 -4.20 -18.56
CA GLY A 5 13.21 -3.75 -17.40
C GLY A 5 12.48 -2.79 -16.47
N ARG A 6 11.32 -3.19 -15.98
CA ARG A 6 10.60 -2.37 -15.00
C ARG A 6 11.26 -2.47 -13.63
N LEU A 7 11.15 -1.39 -12.86
CA LEU A 7 11.82 -1.24 -11.58
C LEU A 7 10.80 -1.22 -10.46
N ILE A 8 11.23 -1.67 -9.28
CA ILE A 8 10.41 -1.53 -8.07
C ILE A 8 10.80 -0.21 -7.40
N TYR A 9 9.88 0.75 -7.37
CA TYR A 9 10.12 2.04 -6.71
C TYR A 9 9.57 2.02 -5.29
N THR A 10 10.35 2.54 -4.35
CA THR A 10 9.88 2.73 -2.98
C THR A 10 10.03 4.20 -2.62
N ALA A 11 8.94 4.81 -2.18
CA ALA A 11 8.94 6.25 -1.89
C ALA A 11 8.58 6.50 -0.42
N GLY A 12 9.33 7.39 0.23
CA GLY A 12 8.98 7.81 1.58
C GLY A 12 9.25 6.72 2.62
N GLY A 13 8.47 6.73 3.69
CA GLY A 13 8.63 5.77 4.77
C GLY A 13 8.93 6.48 6.08
N TYR A 14 9.20 5.66 7.10
CA TYR A 14 9.40 6.17 8.44
C TYR A 14 10.59 5.46 9.08
N PHE A 15 11.50 6.24 9.66
CA PHE A 15 12.51 5.72 10.56
C PHE A 15 12.95 6.91 11.41
N ARG A 16 12.53 6.93 12.68
CA ARG A 16 12.68 8.07 13.58
C ARG A 16 11.84 9.28 13.16
N GLN A 17 11.67 9.50 11.86
CA GLN A 17 10.78 10.53 11.36
C GLN A 17 10.37 10.10 9.96
N SER A 18 9.40 10.81 9.39
CA SER A 18 9.03 10.53 8.00
C SER A 18 10.19 10.86 7.06
N LEU A 19 10.30 10.08 5.98
CA LEU A 19 11.47 10.10 5.10
C LEU A 19 11.10 10.68 3.74
N SER A 20 12.13 11.08 2.98
CA SER A 20 11.96 11.64 1.65
C SER A 20 12.53 10.78 0.53
N TYR A 21 13.06 9.59 0.85
CA TYR A 21 13.76 8.79 -0.16
C TYR A 21 12.84 8.36 -1.29
N LEU A 22 13.36 8.41 -2.50
CA LEU A 22 12.86 7.65 -3.63
C LEU A 22 14.00 6.80 -4.14
N GLU A 23 13.84 5.48 -4.07
CA GLU A 23 14.85 4.55 -4.57
C GLU A 23 14.18 3.49 -5.43
N ALA A 24 14.94 2.91 -6.36
CA ALA A 24 14.34 1.98 -7.31
C ALA A 24 15.22 0.74 -7.42
N TYR A 25 14.61 -0.42 -7.25
CA TYR A 25 15.31 -1.69 -7.25
C TYR A 25 15.06 -2.41 -8.57
N ASN A 26 16.12 -2.99 -9.12
CA ASN A 26 16.04 -3.77 -10.34
C ASN A 26 16.24 -5.24 -10.03
N PRO A 27 15.17 -6.05 -9.96
CA PRO A 27 15.35 -7.46 -9.57
C PRO A 27 16.22 -8.24 -10.53
N SER A 28 16.34 -7.81 -11.78
N SER A 28 16.35 -7.80 -11.78
CA SER A 28 17.12 -8.58 -12.75
CA SER A 28 17.13 -8.59 -12.74
C SER A 28 18.62 -8.52 -12.43
C SER A 28 18.62 -8.51 -12.45
N ASP A 29 19.13 -7.35 -12.04
CA ASP A 29 20.55 -7.20 -11.75
C ASP A 29 20.86 -6.80 -10.30
N GLY A 30 19.86 -6.74 -9.42
CA GLY A 30 20.11 -6.44 -8.02
C GLY A 30 20.54 -5.03 -7.70
N THR A 31 20.42 -4.08 -8.63
CA THR A 31 20.91 -2.73 -8.34
C THR A 31 19.81 -1.86 -7.76
N TRP A 32 20.25 -0.87 -6.99
CA TRP A 32 19.39 0.18 -6.44
C TRP A 32 19.80 1.54 -7.00
N LEU A 33 18.82 2.32 -7.45
CA LEU A 33 19.05 3.70 -7.86
C LEU A 33 18.59 4.64 -6.76
N ARG A 34 19.33 5.73 -6.56
CA ARG A 34 18.89 6.78 -5.65
C ARG A 34 18.36 7.93 -6.50
N LEU A 35 17.04 8.18 -6.45
CA LEU A 35 16.39 9.13 -7.34
C LEU A 35 15.98 10.37 -6.54
N ALA A 36 15.28 11.30 -7.19
CA ALA A 36 15.00 12.59 -6.56
C ALA A 36 14.19 12.43 -5.28
N ASP A 37 14.62 13.09 -4.21
CA ASP A 37 13.86 13.09 -2.97
C ASP A 37 12.45 13.66 -3.19
N LEU A 38 11.48 13.13 -2.44
CA LEU A 38 10.19 13.81 -2.33
C LEU A 38 10.37 15.24 -1.87
N GLN A 39 9.43 16.10 -2.28
N GLN A 39 9.46 16.14 -2.28
CA GLN A 39 9.47 17.53 -1.90
CA GLN A 39 9.59 17.52 -1.84
C GLN A 39 9.14 17.73 -0.42
C GLN A 39 9.23 17.68 -0.36
N VAL A 40 8.30 16.87 0.15
CA VAL A 40 7.90 16.90 1.56
C VAL A 40 8.05 15.47 2.08
N PRO A 41 8.65 15.23 3.25
CA PRO A 41 8.73 13.85 3.77
C PRO A 41 7.34 13.26 3.98
N ARG A 42 7.23 11.96 3.78
N ARG A 42 7.23 11.95 3.77
CA ARG A 42 5.96 11.35 4.11
CA ARG A 42 5.94 11.26 3.86
C ARG A 42 6.11 9.87 4.41
C ARG A 42 6.12 9.83 4.37
N SER A 43 5.33 9.43 5.38
CA SER A 43 5.21 8.03 5.73
C SER A 43 3.73 7.69 5.67
N GLY A 44 3.41 6.39 5.64
CA GLY A 44 2.00 5.99 5.61
C GLY A 44 1.28 6.36 4.33
N LEU A 45 2.04 6.69 3.28
CA LEU A 45 1.50 6.98 1.96
C LEU A 45 1.31 5.68 1.17
N ALA A 46 0.70 5.80 -0.03
CA ALA A 46 0.65 4.70 -0.97
C ALA A 46 1.27 5.15 -2.28
N GLY A 47 1.84 4.19 -3.01
CA GLY A 47 2.34 4.46 -4.36
C GLY A 47 1.50 3.76 -5.39
N CYS A 48 1.42 4.35 -6.58
CA CYS A 48 0.80 3.65 -7.71
C CYS A 48 1.34 4.25 -8.99
N VAL A 49 1.06 3.56 -10.09
CA VAL A 49 1.55 4.00 -11.40
C VAL A 49 0.36 4.16 -12.33
N VAL A 50 0.36 5.25 -13.10
CA VAL A 50 -0.58 5.39 -14.20
C VAL A 50 0.18 5.97 -15.38
N GLY A 51 0.07 5.32 -16.54
CA GLY A 51 0.71 5.88 -17.73
C GLY A 51 2.21 6.07 -17.59
N GLY A 52 2.89 5.18 -16.88
CA GLY A 52 4.33 5.26 -16.70
C GLY A 52 4.78 6.32 -15.72
N LEU A 53 3.85 6.98 -15.05
CA LEU A 53 4.18 7.95 -14.01
C LEU A 53 3.89 7.37 -12.63
N LEU A 54 4.75 7.68 -11.67
CA LEU A 54 4.61 7.19 -10.31
C LEU A 54 3.91 8.25 -9.48
N TYR A 55 2.92 7.85 -8.67
CA TYR A 55 2.17 8.77 -7.85
C TYR A 55 2.35 8.42 -6.38
N ALA A 56 2.58 9.44 -5.56
CA ALA A 56 2.68 9.33 -4.11
C ALA A 56 1.43 9.98 -3.53
N VAL A 57 0.64 9.21 -2.79
CA VAL A 57 -0.70 9.62 -2.37
C VAL A 57 -0.80 9.62 -0.84
N GLY A 58 -1.23 10.74 -0.27
CA GLY A 58 -1.57 10.69 1.16
C GLY A 58 -0.36 10.57 2.07
N GLY A 59 -0.60 10.02 3.25
CA GLY A 59 0.44 9.82 4.25
C GLY A 59 0.49 10.94 5.28
N ARG A 60 1.67 11.16 5.86
CA ARG A 60 1.83 12.10 6.96
C ARG A 60 3.29 12.50 7.02
N ASN A 61 3.55 13.71 7.53
CA ASN A 61 4.93 14.10 7.83
C ASN A 61 5.04 14.14 9.35
N ASN A 62 5.60 13.10 9.94
N ASN A 62 5.53 13.04 9.91
CA ASN A 62 5.91 13.07 11.38
CA ASN A 62 6.05 13.04 11.27
C ASN A 62 7.37 13.47 11.55
C ASN A 62 7.42 13.69 11.26
N SER A 63 7.61 14.66 12.11
CA SER A 63 8.94 15.23 12.24
C SER A 63 9.16 15.57 13.72
N PRO A 64 10.39 15.86 14.14
CA PRO A 64 10.58 16.33 15.52
C PRO A 64 9.81 17.60 15.84
N ASP A 65 9.47 18.40 14.83
CA ASP A 65 8.83 19.70 15.01
C ASP A 65 7.33 19.69 14.77
N GLY A 66 6.74 18.55 14.48
CA GLY A 66 5.30 18.50 14.25
C GLY A 66 4.89 17.23 13.55
N ASN A 67 3.58 17.02 13.50
N ASN A 67 3.59 17.14 13.31
CA ASN A 67 2.98 15.93 12.74
CA ASN A 67 2.95 15.95 12.78
C ASN A 67 1.85 16.53 11.91
C ASN A 67 1.76 16.40 11.92
N THR A 68 1.88 16.27 10.60
CA THR A 68 0.88 16.82 9.70
C THR A 68 0.43 15.75 8.72
N ASP A 69 -0.82 15.31 8.84
CA ASP A 69 -1.37 14.38 7.86
C ASP A 69 -1.44 15.05 6.49
N SER A 70 -1.33 14.25 5.44
CA SER A 70 -1.19 14.79 4.09
C SER A 70 -2.40 14.50 3.21
N SER A 71 -2.89 15.53 2.51
CA SER A 71 -3.88 15.37 1.44
C SER A 71 -3.21 15.38 0.07
N ALA A 72 -1.88 15.36 0.04
CA ALA A 72 -1.14 15.67 -1.17
C ALA A 72 -1.15 14.50 -2.13
N LEU A 73 -1.10 14.84 -3.42
CA LEU A 73 -0.84 13.90 -4.50
C LEU A 73 0.33 14.47 -5.28
N ASP A 74 1.39 13.67 -5.47
CA ASP A 74 2.58 14.13 -6.17
C ASP A 74 2.97 13.10 -7.21
N CYS A 75 3.46 13.58 -8.35
CA CYS A 75 3.67 12.73 -9.52
C CYS A 75 5.15 12.75 -9.87
N TYR A 76 5.76 11.57 -9.93
CA TYR A 76 7.17 11.42 -10.27
C TYR A 76 7.27 10.90 -11.70
N ASN A 77 8.04 11.62 -12.53
CA ASN A 77 8.25 11.22 -13.91
C ASN A 77 9.63 10.60 -14.01
N PRO A 78 9.75 9.31 -14.25
CA PRO A 78 11.08 8.71 -14.35
C PRO A 78 11.94 9.31 -15.44
N MET A 79 11.33 9.85 -16.51
CA MET A 79 12.14 10.39 -17.59
C MET A 79 12.84 11.69 -17.20
N THR A 80 12.24 12.48 -16.31
CA THR A 80 12.80 13.75 -15.89
C THR A 80 13.37 13.73 -14.49
N ASN A 81 13.16 12.64 -13.73
CA ASN A 81 13.61 12.54 -12.32
C ASN A 81 13.08 13.71 -11.50
N GLN A 82 11.83 14.08 -11.74
CA GLN A 82 11.24 15.25 -11.10
C GLN A 82 9.89 14.90 -10.49
N TRP A 83 9.66 15.37 -9.27
CA TRP A 83 8.34 15.31 -8.64
C TRP A 83 7.57 16.58 -8.98
N SER A 84 6.33 16.42 -9.45
CA SER A 84 5.43 17.56 -9.68
C SER A 84 4.19 17.45 -8.79
N PRO A 85 3.77 18.53 -8.12
CA PRO A 85 2.53 18.48 -7.33
C PRO A 85 1.31 18.38 -8.23
N CYS A 86 0.32 17.64 -7.74
CA CYS A 86 -0.98 17.51 -8.38
C CYS A 86 -2.06 18.10 -7.46
N ALA A 87 -3.30 18.12 -7.94
CA ALA A 87 -4.42 18.55 -7.09
C ALA A 87 -4.48 17.69 -5.84
N PRO A 88 -4.70 18.28 -4.66
CA PRO A 88 -4.78 17.49 -3.43
C PRO A 88 -6.15 16.84 -3.28
N MET A 89 -6.20 15.82 -2.43
CA MET A 89 -7.46 15.15 -2.16
C MET A 89 -8.36 16.06 -1.36
N SER A 90 -9.62 15.64 -1.20
CA SER A 90 -10.58 16.39 -0.40
C SER A 90 -10.19 16.45 1.08
N VAL A 91 -9.45 15.46 1.58
CA VAL A 91 -9.12 15.34 3.01
C VAL A 91 -7.75 14.73 3.14
N PRO A 92 -7.02 15.00 4.22
CA PRO A 92 -5.77 14.26 4.48
C PRO A 92 -6.10 12.79 4.77
N ARG A 93 -5.23 11.90 4.30
CA ARG A 93 -5.41 10.45 4.47
C ARG A 93 -4.06 9.81 4.80
N ASN A 94 -3.76 9.66 6.09
CA ASN A 94 -2.62 8.88 6.52
C ASN A 94 -2.99 7.41 6.60
N ARG A 95 -2.03 6.52 6.27
CA ARG A 95 -2.25 5.07 6.25
C ARG A 95 -3.40 4.74 5.30
N ILE A 96 -3.31 5.36 4.13
CA ILE A 96 -4.27 5.26 3.02
C ILE A 96 -4.07 3.94 2.27
N GLY A 97 -5.10 3.51 1.55
CA GLY A 97 -4.96 2.46 0.54
C GLY A 97 -5.25 3.05 -0.83
N VAL A 98 -4.57 2.53 -1.86
CA VAL A 98 -4.78 3.05 -3.22
C VAL A 98 -4.86 1.89 -4.21
N GLY A 99 -5.75 2.04 -5.20
CA GLY A 99 -5.74 1.15 -6.36
C GLY A 99 -6.06 1.95 -7.60
N VAL A 100 -5.75 1.36 -8.75
CA VAL A 100 -5.94 2.01 -10.05
C VAL A 100 -6.91 1.18 -10.88
N ILE A 101 -7.92 1.83 -11.46
CA ILE A 101 -8.83 1.20 -12.43
C ILE A 101 -8.98 2.12 -13.62
N ASP A 102 -8.72 1.60 -14.82
CA ASP A 102 -8.91 2.38 -16.05
C ASP A 102 -8.19 3.73 -15.97
N GLY A 103 -6.95 3.71 -15.50
CA GLY A 103 -6.17 4.93 -15.42
C GLY A 103 -6.62 5.95 -14.42
N HIS A 104 -7.49 5.59 -13.47
CA HIS A 104 -7.93 6.47 -12.40
C HIS A 104 -7.43 5.94 -11.07
N ILE A 105 -7.04 6.86 -10.19
CA ILE A 105 -6.48 6.49 -8.89
C ILE A 105 -7.59 6.58 -7.86
N TYR A 106 -7.82 5.48 -7.13
CA TYR A 106 -8.79 5.45 -6.03
C TYR A 106 -8.05 5.56 -4.70
N ALA A 107 -8.39 6.58 -3.92
CA ALA A 107 -7.83 6.79 -2.58
C ALA A 107 -8.90 6.31 -1.58
N VAL A 108 -8.58 5.32 -0.77
N VAL A 108 -8.56 5.36 -0.72
CA VAL A 108 -9.58 4.74 0.12
CA VAL A 108 -9.57 4.73 0.12
C VAL A 108 -9.12 4.88 1.57
C VAL A 108 -9.15 4.80 1.59
N GLY A 109 -10.03 5.35 2.42
CA GLY A 109 -9.82 5.32 3.87
C GLY A 109 -8.68 6.21 4.31
N GLY A 110 -7.95 5.74 5.35
CA GLY A 110 -6.90 6.53 5.95
C GLY A 110 -7.45 7.46 7.02
N SER A 111 -6.54 8.17 7.71
CA SER A 111 -6.95 9.00 8.82
C SER A 111 -6.54 10.45 8.64
N HIS A 112 -7.28 11.32 9.32
CA HIS A 112 -6.89 12.72 9.52
C HIS A 112 -7.04 13.01 11.00
N GLY A 113 -5.93 13.14 11.71
CA GLY A 113 -6.03 13.21 13.17
C GLY A 113 -6.67 11.92 13.67
N CYS A 114 -7.71 12.05 14.50
CA CYS A 114 -8.40 10.88 14.99
C CYS A 114 -9.59 10.49 14.13
N ILE A 115 -9.82 11.20 13.02
CA ILE A 115 -10.88 10.80 12.09
C ILE A 115 -10.39 9.61 11.27
N HIS A 116 -11.13 8.51 11.31
CA HIS A 116 -10.85 7.33 10.50
C HIS A 116 -11.85 7.31 9.35
N HIS A 117 -11.39 7.52 8.13
CA HIS A 117 -12.32 7.72 7.00
C HIS A 117 -12.91 6.41 6.52
N ASN A 118 -14.20 6.44 6.16
N ASN A 118 -14.20 6.44 6.16
CA ASN A 118 -14.73 5.44 5.24
CA ASN A 118 -14.75 5.44 5.25
C ASN A 118 -14.86 5.98 3.83
C ASN A 118 -14.92 6.00 3.84
N SER A 119 -14.64 7.28 3.65
CA SER A 119 -14.80 7.91 2.34
C SER A 119 -13.76 7.42 1.34
N VAL A 120 -14.11 7.56 0.05
CA VAL A 120 -13.28 7.09 -1.06
C VAL A 120 -13.38 8.15 -2.14
N GLU A 121 -12.26 8.48 -2.80
CA GLU A 121 -12.31 9.47 -3.88
C GLU A 121 -11.41 9.03 -5.01
N ARG A 122 -11.66 9.58 -6.20
CA ARG A 122 -11.08 9.06 -7.43
C ARG A 122 -10.42 10.19 -8.21
N TYR A 123 -9.19 9.96 -8.67
CA TYR A 123 -8.42 11.00 -9.33
C TYR A 123 -8.32 10.70 -10.82
N GLU A 124 -8.51 11.73 -11.63
CA GLU A 124 -8.39 11.61 -13.08
C GLU A 124 -7.15 12.37 -13.54
N PRO A 125 -6.07 11.68 -13.92
CA PRO A 125 -4.83 12.42 -14.24
C PRO A 125 -4.97 13.35 -15.45
N GLU A 126 -5.80 12.99 -16.42
CA GLU A 126 -5.89 13.85 -17.61
C GLU A 126 -6.50 15.20 -17.28
N ARG A 127 -7.34 15.29 -16.25
CA ARG A 127 -7.96 16.56 -15.88
C ARG A 127 -7.50 17.07 -14.53
N ASP A 128 -6.61 16.35 -13.84
CA ASP A 128 -6.06 16.76 -12.55
C ASP A 128 -7.18 17.15 -11.58
N GLU A 129 -8.13 16.23 -11.39
CA GLU A 129 -9.27 16.45 -10.50
C GLU A 129 -9.56 15.21 -9.69
N TRP A 130 -9.97 15.43 -8.44
CA TRP A 130 -10.48 14.40 -7.55
C TRP A 130 -12.00 14.54 -7.41
N HIS A 131 -12.70 13.40 -7.33
CA HIS A 131 -14.11 13.41 -6.96
C HIS A 131 -14.43 12.26 -6.03
N LEU A 132 -15.28 12.54 -5.03
N LEU A 132 -15.28 12.55 -5.04
CA LEU A 132 -15.76 11.50 -4.12
CA LEU A 132 -15.81 11.51 -4.18
C LEU A 132 -16.63 10.50 -4.86
C LEU A 132 -16.55 10.45 -4.99
N VAL A 133 -16.50 9.22 -4.49
CA VAL A 133 -17.40 8.16 -4.96
C VAL A 133 -18.09 7.58 -3.74
N ALA A 134 -18.77 6.45 -3.88
CA ALA A 134 -19.49 5.89 -2.73
C ALA A 134 -18.51 5.52 -1.62
N PRO A 135 -18.86 5.80 -0.35
CA PRO A 135 -17.99 5.42 0.77
C PRO A 135 -18.05 3.93 1.08
N MET A 136 -16.96 3.45 1.68
CA MET A 136 -16.93 2.07 2.16
C MET A 136 -18.00 1.84 3.23
N LEU A 137 -18.32 0.56 3.43
CA LEU A 137 -19.20 0.19 4.52
C LEU A 137 -18.52 0.30 5.87
N THR A 138 -17.20 0.36 5.89
CA THR A 138 -16.40 0.33 7.11
C THR A 138 -15.37 1.44 7.07
N ARG A 139 -15.13 2.09 8.20
CA ARG A 139 -13.96 2.97 8.30
C ARG A 139 -12.70 2.11 8.39
N ARG A 140 -11.68 2.45 7.60
CA ARG A 140 -10.47 1.64 7.52
C ARG A 140 -9.26 2.55 7.35
N ILE A 141 -8.33 2.48 8.30
CA ILE A 141 -6.99 3.04 8.13
C ILE A 141 -6.03 1.87 8.17
N GLY A 142 -4.83 2.05 7.60
CA GLY A 142 -3.94 0.90 7.49
C GLY A 142 -4.53 -0.21 6.66
N VAL A 143 -5.29 0.16 5.64
CA VAL A 143 -6.08 -0.74 4.80
C VAL A 143 -5.25 -1.14 3.59
N GLY A 144 -5.41 -2.39 3.13
CA GLY A 144 -4.78 -2.85 1.90
C GLY A 144 -5.78 -2.83 0.75
N VAL A 145 -5.31 -2.54 -0.47
CA VAL A 145 -6.20 -2.41 -1.62
C VAL A 145 -5.68 -3.30 -2.75
N ALA A 146 -6.58 -4.03 -3.39
CA ALA A 146 -6.27 -4.86 -4.55
C ALA A 146 -7.28 -4.58 -5.65
N VAL A 147 -6.83 -4.57 -6.90
CA VAL A 147 -7.74 -4.46 -8.03
C VAL A 147 -7.72 -5.76 -8.80
N LEU A 148 -8.90 -6.33 -9.03
CA LEU A 148 -8.98 -7.63 -9.66
C LEU A 148 -10.30 -7.68 -10.40
N ASN A 149 -10.29 -8.08 -11.67
CA ASN A 149 -11.51 -8.17 -12.49
C ASN A 149 -12.24 -6.83 -12.56
N ARG A 150 -11.48 -5.73 -12.57
CA ARG A 150 -12.01 -4.36 -12.62
C ARG A 150 -12.94 -4.05 -11.45
N LEU A 151 -12.73 -4.73 -10.33
CA LEU A 151 -13.33 -4.42 -9.03
C LEU A 151 -12.21 -4.03 -8.07
N LEU A 152 -12.55 -3.23 -7.07
CA LEU A 152 -11.55 -2.78 -6.12
C LEU A 152 -11.85 -3.38 -4.75
N TYR A 153 -10.86 -4.02 -4.14
CA TYR A 153 -11.06 -4.68 -2.84
C TYR A 153 -10.33 -3.90 -1.75
N ALA A 154 -11.01 -3.61 -0.64
CA ALA A 154 -10.39 -3.01 0.53
C ALA A 154 -10.32 -4.07 1.61
N VAL A 155 -9.13 -4.29 2.16
CA VAL A 155 -8.86 -5.49 2.95
C VAL A 155 -8.27 -5.08 4.30
N GLY A 156 -8.94 -5.50 5.39
CA GLY A 156 -8.34 -5.29 6.70
C GLY A 156 -8.32 -3.82 7.13
N GLY A 157 -7.39 -3.50 8.00
CA GLY A 157 -7.22 -2.16 8.53
C GLY A 157 -7.67 -2.04 9.97
N PHE A 158 -7.96 -0.79 10.35
CA PHE A 158 -8.32 -0.41 11.73
C PHE A 158 -9.46 0.59 11.62
N ASP A 159 -10.59 0.35 12.32
CA ASP A 159 -11.75 1.21 12.15
C ASP A 159 -11.81 2.33 13.17
N GLY A 160 -10.76 2.54 13.95
CA GLY A 160 -10.75 3.49 15.05
C GLY A 160 -10.92 2.85 16.42
N THR A 161 -11.46 1.63 16.45
CA THR A 161 -11.69 0.89 17.68
C THR A 161 -11.05 -0.51 17.61
N ASN A 162 -11.32 -1.26 16.54
CA ASN A 162 -10.80 -2.61 16.39
C ASN A 162 -9.99 -2.76 15.11
N ARG A 163 -8.94 -3.57 15.17
CA ARG A 163 -8.33 -4.07 13.94
C ARG A 163 -9.27 -5.07 13.28
N LEU A 164 -9.21 -5.13 11.95
CA LEU A 164 -10.23 -5.77 11.12
C LEU A 164 -9.70 -6.99 10.41
N ASN A 165 -10.50 -8.07 10.37
CA ASN A 165 -10.31 -9.12 9.37
C ASN A 165 -11.29 -8.98 8.21
N SER A 166 -12.22 -8.03 8.26
CA SER A 166 -13.23 -7.89 7.21
C SER A 166 -12.61 -7.33 5.91
N ALA A 167 -13.35 -7.49 4.82
CA ALA A 167 -12.92 -6.98 3.52
C ALA A 167 -14.17 -6.66 2.71
N GLU A 168 -14.05 -5.73 1.77
CA GLU A 168 -15.23 -5.41 1.00
C GLU A 168 -14.80 -5.06 -0.43
N CYS A 169 -15.81 -5.02 -1.31
CA CYS A 169 -15.60 -4.96 -2.76
C CYS A 169 -16.39 -3.80 -3.35
N TYR A 170 -15.70 -2.96 -4.13
CA TYR A 170 -16.29 -1.83 -4.82
C TYR A 170 -16.55 -2.14 -6.28
N TYR A 171 -17.77 -1.84 -6.74
CA TYR A 171 -18.19 -2.05 -8.12
C TYR A 171 -18.21 -0.69 -8.80
N PRO A 172 -17.23 -0.36 -9.62
CA PRO A 172 -17.16 1.00 -10.20
C PRO A 172 -18.31 1.36 -11.12
N GLU A 173 -18.85 0.41 -11.90
CA GLU A 173 -19.94 0.79 -12.80
C GLU A 173 -21.19 1.14 -12.01
N ARG A 174 -21.43 0.41 -10.92
CA ARG A 174 -22.59 0.61 -10.07
C ARG A 174 -22.37 1.64 -9.00
N ASN A 175 -21.10 1.93 -8.66
CA ASN A 175 -20.73 2.83 -7.57
C ASN A 175 -21.32 2.31 -6.24
N GLU A 176 -20.96 1.08 -5.90
CA GLU A 176 -21.42 0.56 -4.61
C GLU A 176 -20.45 -0.47 -4.06
N TRP A 177 -20.52 -0.66 -2.74
CA TRP A 177 -19.65 -1.57 -2.00
C TRP A 177 -20.47 -2.73 -1.43
N ARG A 178 -19.80 -3.88 -1.32
N ARG A 178 -19.82 -3.89 -1.34
CA ARG A 178 -20.38 -5.06 -0.68
CA ARG A 178 -20.39 -5.06 -0.69
C ARG A 178 -19.32 -5.75 0.15
C ARG A 178 -19.33 -5.78 0.13
N MET A 179 -19.71 -6.25 1.32
CA MET A 179 -18.78 -7.00 2.15
C MET A 179 -18.51 -8.35 1.51
N ILE A 180 -17.26 -8.83 1.60
CA ILE A 180 -16.96 -10.18 1.12
C ILE A 180 -16.60 -11.02 2.34
N THR A 181 -16.12 -12.26 2.11
CA THR A 181 -15.68 -13.12 3.21
C THR A 181 -14.50 -12.51 3.96
N ALA A 182 -14.57 -12.57 5.30
CA ALA A 182 -13.49 -12.02 6.11
C ALA A 182 -12.27 -12.94 6.12
N MET A 183 -11.09 -12.32 6.28
CA MET A 183 -9.83 -13.05 6.37
C MET A 183 -9.83 -14.03 7.55
N ASN A 184 -8.89 -14.96 7.52
CA ASN A 184 -8.65 -15.83 8.68
C ASN A 184 -8.10 -15.04 9.86
N THR A 185 -7.31 -14.02 9.59
CA THR A 185 -6.57 -13.30 10.63
C THR A 185 -6.92 -11.82 10.55
N ILE A 186 -7.07 -11.21 11.72
CA ILE A 186 -7.22 -9.75 11.80
C ILE A 186 -5.91 -9.12 11.37
N ARG A 187 -5.96 -8.17 10.42
CA ARG A 187 -4.74 -7.50 9.95
C ARG A 187 -4.96 -6.01 9.69
N SER A 188 -4.26 -5.18 10.44
N SER A 188 -4.30 -5.18 10.48
CA SER A 188 -4.08 -3.77 10.08
CA SER A 188 -4.02 -3.80 10.14
C SER A 188 -2.62 -3.55 9.70
C SER A 188 -2.60 -3.73 9.58
N GLY A 189 -2.39 -2.86 8.59
CA GLY A 189 -1.03 -2.68 8.12
C GLY A 189 -0.49 -3.82 7.29
N ALA A 190 -1.33 -4.70 6.76
CA ALA A 190 -0.85 -5.75 5.87
C ALA A 190 -0.47 -5.18 4.51
N GLY A 191 0.40 -5.89 3.80
CA GLY A 191 0.57 -5.64 2.36
C GLY A 191 -0.46 -6.46 1.60
N VAL A 192 -1.16 -5.81 0.68
CA VAL A 192 -2.22 -6.47 -0.07
C VAL A 192 -1.95 -6.28 -1.55
N CYS A 193 -2.03 -7.37 -2.33
N CYS A 193 -2.03 -7.37 -2.32
CA CYS A 193 -1.72 -7.30 -3.75
CA CYS A 193 -1.69 -7.35 -3.73
C CYS A 193 -2.44 -8.43 -4.46
C CYS A 193 -2.48 -8.42 -4.46
N VAL A 194 -2.32 -8.44 -5.78
CA VAL A 194 -2.97 -9.43 -6.63
C VAL A 194 -1.90 -10.23 -7.37
N LEU A 195 -2.00 -11.55 -7.32
CA LEU A 195 -1.05 -12.38 -8.06
C LEU A 195 -1.79 -13.61 -8.55
N HIS A 196 -1.71 -13.87 -9.86
CA HIS A 196 -2.34 -15.04 -10.50
C HIS A 196 -3.80 -15.16 -10.09
N ASN A 197 -4.52 -14.05 -10.23
CA ASN A 197 -5.95 -13.93 -10.04
C ASN A 197 -6.41 -14.13 -8.60
N CYS A 198 -5.51 -14.08 -7.61
CA CYS A 198 -5.88 -14.15 -6.20
C CYS A 198 -5.41 -12.89 -5.47
N ILE A 199 -6.12 -12.52 -4.40
CA ILE A 199 -5.72 -11.41 -3.53
C ILE A 199 -4.89 -11.99 -2.39
N TYR A 200 -3.67 -11.47 -2.21
CA TYR A 200 -2.82 -11.86 -1.10
C TYR A 200 -2.83 -10.77 -0.03
N ALA A 201 -2.89 -11.18 1.24
CA ALA A 201 -2.68 -10.28 2.37
C ALA A 201 -1.51 -10.86 3.17
N ALA A 202 -0.42 -10.09 3.28
CA ALA A 202 0.79 -10.55 3.95
C ALA A 202 1.08 -9.66 5.14
N GLY A 203 1.36 -10.28 6.30
CA GLY A 203 1.87 -9.50 7.42
C GLY A 203 0.76 -8.67 8.04
N GLY A 204 1.17 -7.57 8.64
CA GLY A 204 0.26 -6.74 9.39
C GLY A 204 0.33 -6.96 10.88
N TYR A 205 -0.67 -6.43 11.57
CA TYR A 205 -0.74 -6.41 13.03
C TYR A 205 -2.14 -6.85 13.44
N ASP A 206 -2.25 -7.85 14.31
CA ASP A 206 -3.56 -8.36 14.69
C ASP A 206 -4.09 -7.73 15.97
N GLY A 207 -3.45 -6.67 16.45
CA GLY A 207 -3.80 -6.07 17.72
C GLY A 207 -2.93 -6.53 18.87
N GLN A 208 -2.15 -7.61 18.67
CA GLN A 208 -1.21 -8.08 19.69
C GLN A 208 0.19 -8.27 19.12
N ASP A 209 0.30 -8.92 17.97
CA ASP A 209 1.59 -9.26 17.38
C ASP A 209 1.71 -8.76 15.95
N GLN A 210 2.94 -8.46 15.55
CA GLN A 210 3.21 -8.36 14.12
C GLN A 210 3.19 -9.76 13.50
N LEU A 211 2.67 -9.87 12.27
CA LEU A 211 2.42 -11.16 11.66
C LEU A 211 3.45 -11.48 10.58
N ASN A 212 3.82 -12.76 10.49
CA ASN A 212 4.50 -13.27 9.29
C ASN A 212 3.57 -14.09 8.39
N SER A 213 2.33 -14.32 8.79
CA SER A 213 1.44 -15.16 8.00
C SER A 213 0.96 -14.43 6.77
N VAL A 214 0.57 -15.21 5.77
CA VAL A 214 0.19 -14.73 4.45
C VAL A 214 -1.01 -15.56 4.01
N GLU A 215 -2.09 -14.91 3.63
CA GLU A 215 -3.23 -15.68 3.15
C GLU A 215 -3.75 -15.12 1.84
N ARG A 216 -4.43 -15.95 1.06
CA ARG A 216 -4.87 -15.49 -0.25
C ARG A 216 -6.31 -15.85 -0.50
N TYR A 217 -6.99 -14.96 -1.21
CA TYR A 217 -8.42 -15.04 -1.43
C TYR A 217 -8.67 -15.46 -2.87
N ASP A 218 -9.49 -16.49 -3.05
CA ASP A 218 -9.98 -16.92 -4.35
C ASP A 218 -11.42 -16.40 -4.49
N VAL A 219 -11.66 -15.52 -5.46
CA VAL A 219 -12.93 -14.79 -5.46
C VAL A 219 -14.09 -15.70 -5.84
N GLU A 220 -13.82 -16.80 -6.53
CA GLU A 220 -14.90 -17.73 -6.88
C GLU A 220 -15.21 -18.71 -5.75
N THR A 221 -14.19 -19.25 -5.08
CA THR A 221 -14.48 -20.12 -3.93
C THR A 221 -14.82 -19.30 -2.69
N GLU A 222 -14.54 -18.00 -2.73
CA GLU A 222 -14.85 -17.07 -1.63
C GLU A 222 -14.17 -17.53 -0.34
N THR A 223 -12.97 -18.08 -0.46
N THR A 223 -12.94 -18.04 -0.47
CA THR A 223 -12.25 -18.59 0.70
CA THR A 223 -12.22 -18.64 0.64
C THR A 223 -10.87 -17.99 0.75
C THR A 223 -10.83 -18.03 0.74
N TRP A 224 -10.41 -17.73 1.97
CA TRP A 224 -9.04 -17.34 2.25
C TRP A 224 -8.25 -18.56 2.69
N THR A 225 -7.08 -18.75 2.12
CA THR A 225 -6.23 -19.91 2.42
C THR A 225 -4.84 -19.43 2.79
N PHE A 226 -4.30 -19.89 3.91
CA PHE A 226 -2.92 -19.57 4.25
C PHE A 226 -1.96 -20.19 3.25
N VAL A 227 -0.93 -19.43 2.89
CA VAL A 227 0.21 -19.97 2.13
C VAL A 227 1.45 -19.88 3.03
N ALA A 228 2.63 -20.08 2.47
CA ALA A 228 3.84 -20.05 3.29
C ALA A 228 4.02 -18.69 3.95
N PRO A 229 4.41 -18.64 5.23
CA PRO A 229 4.68 -17.36 5.89
C PRO A 229 6.02 -16.77 5.49
N MET A 230 6.11 -15.45 5.64
CA MET A 230 7.35 -14.73 5.42
C MET A 230 8.40 -15.13 6.45
N LYS A 231 9.67 -14.86 6.13
CA LYS A 231 10.71 -15.10 7.13
C LYS A 231 10.66 -14.08 8.26
N HIS A 232 10.27 -12.84 7.95
CA HIS A 232 10.17 -11.81 8.98
C HIS A 232 8.72 -11.43 9.22
N ARG A 233 8.33 -11.38 10.49
CA ARG A 233 7.13 -10.63 10.87
C ARG A 233 7.28 -9.18 10.44
N ARG A 234 6.21 -8.60 9.90
CA ARG A 234 6.26 -7.19 9.52
C ARG A 234 4.87 -6.58 9.40
N SER A 235 4.74 -5.36 9.91
N SER A 235 4.74 -5.37 9.92
CA SER A 235 3.57 -4.53 9.68
CA SER A 235 3.56 -4.55 9.65
C SER A 235 4.00 -3.24 9.00
C SER A 235 4.00 -3.26 8.98
N ALA A 236 3.08 -2.67 8.22
CA ALA A 236 3.35 -1.46 7.43
C ALA A 236 4.51 -1.69 6.47
N LEU A 237 4.52 -2.88 5.87
CA LEU A 237 5.45 -3.25 4.81
C LEU A 237 4.98 -2.64 3.49
N GLY A 238 5.92 -2.44 2.57
CA GLY A 238 5.55 -2.16 1.20
C GLY A 238 5.42 -3.46 0.43
N ILE A 239 4.61 -3.47 -0.63
CA ILE A 239 4.36 -4.71 -1.35
C ILE A 239 4.10 -4.38 -2.80
N THR A 240 4.59 -5.24 -3.70
CA THR A 240 4.25 -5.15 -5.11
C THR A 240 4.47 -6.52 -5.75
N VAL A 241 4.11 -6.62 -7.03
CA VAL A 241 4.31 -7.83 -7.81
C VAL A 241 5.20 -7.46 -8.98
N HIS A 242 6.20 -8.30 -9.25
CA HIS A 242 7.13 -8.04 -10.35
C HIS A 242 7.47 -9.37 -10.99
N GLN A 243 7.18 -9.50 -12.28
N GLN A 243 7.19 -9.50 -12.28
CA GLN A 243 7.45 -10.70 -13.06
CA GLN A 243 7.49 -10.73 -13.04
C GLN A 243 6.94 -11.95 -12.33
C GLN A 243 6.94 -11.97 -12.33
N GLY A 244 5.69 -11.87 -11.88
CA GLY A 244 5.01 -13.03 -11.31
C GLY A 244 5.43 -13.44 -9.93
N ARG A 245 6.12 -12.57 -9.19
CA ARG A 245 6.49 -12.84 -7.80
C ARG A 245 6.10 -11.66 -6.94
N ILE A 246 5.78 -11.91 -5.67
CA ILE A 246 5.49 -10.85 -4.72
C ILE A 246 6.78 -10.38 -4.09
N TYR A 247 6.94 -9.06 -3.96
CA TYR A 247 8.04 -8.47 -3.20
C TYR A 247 7.48 -7.69 -2.02
N VAL A 248 7.99 -7.94 -0.81
CA VAL A 248 7.61 -7.17 0.36
C VAL A 248 8.84 -6.43 0.83
N LEU A 249 8.67 -5.19 1.27
CA LEU A 249 9.80 -4.29 1.51
C LEU A 249 9.65 -3.65 2.87
N GLY A 250 10.62 -3.87 3.76
CA GLY A 250 10.60 -3.14 5.01
C GLY A 250 9.42 -3.51 5.90
N GLY A 251 9.01 -2.52 6.71
CA GLY A 251 8.02 -2.72 7.75
C GLY A 251 8.69 -2.83 9.11
N TYR A 252 7.84 -2.91 10.14
CA TYR A 252 8.27 -2.95 11.53
C TYR A 252 7.96 -4.33 12.07
N ASP A 253 8.93 -4.98 12.71
CA ASP A 253 8.72 -6.36 13.17
C ASP A 253 8.40 -6.45 14.66
N GLY A 254 8.11 -5.34 15.31
CA GLY A 254 7.93 -5.31 16.74
C GLY A 254 9.13 -4.78 17.50
N HIS A 255 10.31 -4.77 16.87
CA HIS A 255 11.55 -4.34 17.50
C HIS A 255 12.37 -3.44 16.57
N THR A 256 12.46 -3.77 15.28
CA THR A 256 13.30 -3.02 14.37
C THR A 256 12.55 -2.66 13.09
N PHE A 257 12.96 -1.55 12.49
CA PHE A 257 12.50 -1.15 11.17
C PHE A 257 13.35 -1.92 10.17
N LEU A 258 12.71 -2.85 9.46
CA LEU A 258 13.44 -3.77 8.61
C LEU A 258 13.96 -3.12 7.34
N ASP A 259 15.15 -3.56 6.90
CA ASP A 259 15.59 -3.29 5.54
C ASP A 259 15.41 -4.50 4.63
N SER A 260 14.98 -5.63 5.19
CA SER A 260 14.80 -6.86 4.42
C SER A 260 13.78 -6.69 3.29
N VAL A 261 14.13 -7.20 2.11
CA VAL A 261 13.17 -7.39 1.02
C VAL A 261 13.07 -8.89 0.76
N GLU A 262 11.88 -9.47 0.94
CA GLU A 262 11.63 -10.87 0.65
C GLU A 262 10.81 -11.01 -0.62
N CYS A 263 10.95 -12.17 -1.26
CA CYS A 263 10.30 -12.45 -2.54
C CYS A 263 9.54 -13.76 -2.44
N TYR A 264 8.26 -13.76 -2.82
CA TYR A 264 7.44 -14.97 -2.81
C TYR A 264 7.31 -15.55 -4.20
N ASP A 265 7.64 -16.83 -4.34
CA ASP A 265 7.49 -17.54 -5.61
C ASP A 265 6.25 -18.42 -5.52
N PRO A 266 5.19 -18.13 -6.27
CA PRO A 266 3.95 -18.92 -6.11
C PRO A 266 4.10 -20.35 -6.59
N ASP A 267 5.00 -20.61 -7.54
CA ASP A 267 5.15 -21.96 -8.06
C ASP A 267 5.71 -22.91 -7.01
N THR A 268 6.60 -22.43 -6.15
CA THR A 268 7.16 -23.28 -5.12
C THR A 268 6.60 -23.00 -3.73
N ASP A 269 5.72 -22.01 -3.59
CA ASP A 269 5.21 -21.58 -2.28
C ASP A 269 6.36 -21.36 -1.30
N THR A 270 7.33 -20.53 -1.70
CA THR A 270 8.46 -20.23 -0.83
C THR A 270 8.80 -18.75 -0.89
N TRP A 271 9.26 -18.23 0.24
CA TRP A 271 9.80 -16.87 0.35
C TRP A 271 11.32 -16.94 0.43
N SER A 272 11.99 -15.98 -0.22
N SER A 272 11.98 -15.99 -0.23
CA SER A 272 13.43 -15.86 -0.10
CA SER A 272 13.43 -15.83 -0.12
C SER A 272 13.82 -14.40 0.07
C SER A 272 13.78 -14.37 0.13
N GLU A 273 14.88 -14.16 0.85
CA GLU A 273 15.44 -12.82 0.98
C GLU A 273 16.18 -12.50 -0.31
N VAL A 274 15.91 -11.35 -0.91
CA VAL A 274 16.53 -11.10 -2.22
C VAL A 274 17.45 -9.89 -2.23
N THR A 275 17.21 -8.93 -1.33
CA THR A 275 18.05 -7.75 -1.27
C THR A 275 17.71 -7.04 0.03
N ARG A 276 18.44 -5.99 0.32
CA ARG A 276 18.10 -5.11 1.43
C ARG A 276 17.93 -3.70 0.89
N MET A 277 16.97 -2.97 1.47
CA MET A 277 16.96 -1.55 1.23
C MET A 277 18.21 -0.91 1.81
N THR A 278 18.51 0.29 1.35
CA THR A 278 19.70 0.98 1.84
C THR A 278 19.58 1.41 3.30
N SER A 279 18.37 1.43 3.86
CA SER A 279 18.17 1.65 5.29
C SER A 279 16.82 1.08 5.68
N GLY A 280 16.69 0.62 6.93
CA GLY A 280 15.41 0.10 7.38
C GLY A 280 14.37 1.20 7.48
N ARG A 281 13.12 0.84 7.14
CA ARG A 281 12.03 1.80 7.19
C ARG A 281 10.71 1.05 7.12
N SER A 282 9.65 1.70 7.59
CA SER A 282 8.29 1.19 7.45
C SER A 282 7.42 2.22 6.75
N GLY A 283 6.20 1.83 6.39
CA GLY A 283 5.23 2.79 5.87
C GLY A 283 5.60 3.43 4.55
N VAL A 284 6.24 2.68 3.65
CA VAL A 284 6.63 3.19 2.33
C VAL A 284 5.46 3.05 1.36
N GLY A 285 5.54 3.80 0.26
CA GLY A 285 4.69 3.56 -0.90
C GLY A 285 5.52 2.90 -1.99
N VAL A 286 4.93 1.93 -2.67
CA VAL A 286 5.66 1.05 -3.61
C VAL A 286 4.85 0.89 -4.89
N ALA A 287 5.51 0.96 -6.05
CA ALA A 287 4.85 0.60 -7.30
C ALA A 287 5.91 0.23 -8.31
N VAL A 288 5.47 -0.29 -9.47
CA VAL A 288 6.40 -0.82 -10.48
C VAL A 288 6.17 -0.12 -11.81
N THR A 289 7.24 0.31 -12.45
CA THR A 289 7.12 0.79 -13.82
C THR A 289 8.49 0.81 -14.48
C1 EDO B . 19.63 13.18 -3.61
O1 EDO B . 18.79 12.24 -4.21
C2 EDO B . 18.75 14.38 -3.35
O2 EDO B . 17.58 14.17 -4.09
C10 GX8 C . 2.62 1.65 11.25
C11 GX8 C . 2.51 2.73 12.09
C14 GX8 C . 5.46 3.58 12.73
C15 GX8 C . 5.85 4.42 13.76
C16 GX8 C . 6.45 3.88 14.89
C17 GX8 C . 6.63 2.51 14.98
C19 GX8 C . 7.51 2.85 17.12
C20 GX8 C . 6.22 1.67 13.96
C21 GX8 C . 5.62 2.22 12.84
C24 GX8 C . 2.01 5.12 12.04
C25 GX8 C . 1.74 6.15 10.95
C28 GX8 C . 2.07 2.57 13.40
C29 GX8 C . 1.71 1.32 13.83
C31 GX8 C . 1.14 2.19 15.97
C32 GX8 C . 0.65 1.62 17.32
C33 GX8 C . 1.21 2.03 18.52
C34 GX8 C . 0.75 1.50 19.71
C35 GX8 C . -0.29 0.56 19.71
C36 GX8 C . -0.85 0.15 18.51
C04 GX8 C . 0.13 -1.50 13.84
C05 GX8 C . -0.66 -1.43 12.56
C08 GX8 C . 1.78 0.25 12.99
C09 GX8 C . 2.26 0.39 11.70
C37 GX8 C . -0.38 0.69 17.32
C38 GX8 C . 3.05 -1.36 15.87
C39 GX8 C . 2.28 -1.93 16.88
C40 GX8 C . 2.46 -1.50 18.19
C41 GX8 C . 3.39 -0.51 18.48
C43 GX8 C . 3.14 -0.93 20.78
C44 GX8 C . 4.15 0.05 17.45
C45 GX8 C . 3.97 -0.37 16.15
N03 GX8 C . 1.46 -1.02 13.57
N12 GX8 C . 2.95 4.05 11.72
O01 GX8 C . 2.63 -3.33 14.14
O06 GX8 C . -1.84 -1.08 12.65
O07 GX8 C . -0.13 -1.72 11.46
O18 GX8 C . 7.24 1.94 16.11
O22 GX8 C . 4.98 5.62 11.01
O23 GX8 C . 5.06 3.56 10.03
O26 GX8 C . 1.28 7.25 11.34
O27 GX8 C . 1.96 5.93 9.72
O30 GX8 C . 1.24 1.09 15.12
O42 GX8 C . 3.59 -0.05 19.79
O46 GX8 C . 4.04 -1.62 13.43
S02 GX8 C . 2.82 -1.88 14.15
S13 GX8 C . 4.63 4.24 11.26
NA NA D . -21.27 8.88 -4.72
NA NA E . 5.61 18.38 10.55
NA NA F . -11.46 16.86 8.35
NA NA G . -13.59 8.54 12.96
NA NA H . -7.45 10.54 -16.76
NA NA I . 14.78 11.27 4.07
NA NA J . 14.58 6.68 -19.04
#